data_4EZG
#
_entry.id   4EZG
#
_cell.length_a   59.696
_cell.length_b   62.979
_cell.length_c   107.201
_cell.angle_alpha   90.000
_cell.angle_beta   90.000
_cell.angle_gamma   90.000
#
_symmetry.space_group_name_H-M   'P 21 21 21'
#
loop_
_entity.id
_entity.type
_entity.pdbx_description
1 polymer 'Putative uncharacterized protein'
2 non-polymer 'SULFATE ION'
3 water water
#
_entity_poly.entity_id   1
_entity_poly.type   'polypeptide(L)'
_entity_poly.pdbx_seq_one_letter_code
;GAAEQTGLKASQDNVNIPDSTFKAYLNGLLGQSSTANITEAQ(MSE)NSLTYITLANINVTDLTGIEYAHNIKDLTINNI
HATNYNPISGLSNLERLRI(MSE)GKDVTSDKIPNLSGLTSLTLLDISHSAHDDSILTKINTLPKVNSIDLSYNGAITDI
(MSE)PLKTLPELKSLNIQFDGVHDYRGIEDFPKLNQLYAFSQTIGGKK
;
_entity_poly.pdbx_strand_id   A,B
#
loop_
_chem_comp.id
_chem_comp.type
_chem_comp.name
_chem_comp.formula
SO4 non-polymer 'SULFATE ION' 'O4 S -2'
#
# COMPACT_ATOMS: atom_id res chain seq x y z
N GLY A 7 -42.92 -26.23 0.67
CA GLY A 7 -42.15 -25.60 -0.40
C GLY A 7 -42.93 -24.52 -1.11
N LEU A 8 -43.93 -24.93 -1.88
CA LEU A 8 -44.77 -24.00 -2.62
C LEU A 8 -45.64 -23.16 -1.68
N LYS A 9 -46.03 -23.75 -0.55
CA LYS A 9 -46.82 -23.03 0.43
C LYS A 9 -45.95 -22.01 1.14
N ALA A 10 -44.77 -22.45 1.57
CA ALA A 10 -43.82 -21.59 2.28
C ALA A 10 -43.40 -20.35 1.49
N SER A 11 -43.31 -20.50 0.16
N SER A 11 -43.31 -20.50 0.16
CA SER A 11 -42.94 -19.38 -0.70
CA SER A 11 -42.97 -19.40 -0.73
C SER A 11 -43.91 -18.21 -0.62
C SER A 11 -43.91 -18.20 -0.58
N GLN A 12 -45.16 -18.47 -0.26
CA GLN A 12 -46.16 -17.42 -0.11
C GLN A 12 -46.28 -16.86 1.31
N ASP A 13 -45.47 -17.37 2.24
CA ASP A 13 -45.50 -16.88 3.61
C ASP A 13 -44.94 -15.46 3.71
N ASN A 14 -45.58 -14.61 4.51
N ASN A 14 -45.57 -14.66 4.56
CA ASN A 14 -45.07 -13.25 4.70
CA ASN A 14 -45.11 -13.33 4.91
C ASN A 14 -43.79 -13.27 5.53
C ASN A 14 -43.69 -13.38 5.48
N VAL A 15 -42.88 -12.36 5.19
CA VAL A 15 -41.59 -12.24 5.85
C VAL A 15 -41.64 -11.12 6.88
N ASN A 16 -41.16 -11.43 8.09
CA ASN A 16 -41.03 -10.43 9.15
C ASN A 16 -39.87 -9.49 8.82
N ILE A 17 -40.20 -8.23 8.54
CA ILE A 17 -39.20 -7.20 8.26
C ILE A 17 -39.53 -6.02 9.18
N PRO A 18 -39.05 -6.08 10.43
CA PRO A 18 -39.49 -5.11 11.45
C PRO A 18 -38.98 -3.70 11.23
N ASP A 19 -37.91 -3.51 10.46
CA ASP A 19 -37.44 -2.16 10.20
C ASP A 19 -38.21 -1.53 9.04
N SER A 20 -38.98 -0.48 9.33
CA SER A 20 -39.85 0.09 8.30
C SER A 20 -39.10 0.77 7.15
N THR A 21 -37.92 1.31 7.43
CA THR A 21 -37.12 1.93 6.39
C THR A 21 -36.62 0.88 5.40
N PHE A 22 -36.18 -0.26 5.95
CA PHE A 22 -35.71 -1.37 5.12
C PHE A 22 -36.87 -1.94 4.33
N LYS A 23 -38.02 -2.14 4.99
CA LYS A 23 -39.22 -2.65 4.31
C LYS A 23 -39.65 -1.73 3.17
N ALA A 24 -39.61 -0.41 3.41
CA ALA A 24 -39.96 0.55 2.37
C ALA A 24 -39.00 0.45 1.18
N TYR A 25 -37.71 0.29 1.47
CA TYR A 25 -36.72 0.12 0.42
C TYR A 25 -37.03 -1.12 -0.43
N LEU A 26 -37.32 -2.23 0.24
CA LEU A 26 -37.60 -3.48 -0.45
C LEU A 26 -38.87 -3.39 -1.28
N ASN A 27 -39.90 -2.75 -0.72
CA ASN A 27 -41.12 -2.53 -1.47
C ASN A 27 -40.89 -1.67 -2.72
N GLY A 28 -39.97 -0.71 -2.62
CA GLY A 28 -39.57 0.05 -3.79
C GLY A 28 -39.06 -0.85 -4.90
N LEU A 29 -38.18 -1.79 -4.55
CA LEU A 29 -37.64 -2.72 -5.54
C LEU A 29 -38.72 -3.59 -6.16
N LEU A 30 -39.72 -3.93 -5.34
CA LEU A 30 -40.79 -4.83 -5.77
C LEU A 30 -41.98 -4.13 -6.44
N GLY A 31 -41.97 -2.80 -6.45
CA GLY A 31 -43.07 -2.05 -7.05
C GLY A 31 -44.32 -2.01 -6.19
N GLN A 32 -44.17 -2.18 -4.88
CA GLN A 32 -45.30 -2.16 -3.96
C GLN A 32 -45.31 -0.88 -3.13
N SER A 33 -46.44 -0.58 -2.49
CA SER A 33 -46.49 0.55 -1.57
C SER A 33 -45.51 0.33 -0.41
N SER A 34 -45.11 1.42 0.24
N SER A 34 -45.12 1.42 0.25
CA SER A 34 -44.02 1.39 1.22
CA SER A 34 -44.01 1.39 1.21
C SER A 34 -44.23 0.46 2.40
C SER A 34 -44.23 0.46 2.40
N THR A 35 -45.48 0.28 2.81
CA THR A 35 -45.79 -0.59 3.95
C THR A 35 -46.41 -1.94 3.59
N ALA A 36 -46.46 -2.26 2.30
CA ALA A 36 -47.01 -3.55 1.86
C ALA A 36 -46.26 -4.73 2.44
N ASN A 37 -46.97 -5.83 2.65
CA ASN A 37 -46.30 -7.06 3.07
C ASN A 37 -45.53 -7.70 1.93
N ILE A 38 -44.52 -8.46 2.29
CA ILE A 38 -43.58 -9.06 1.33
C ILE A 38 -43.47 -10.55 1.62
N THR A 39 -43.59 -11.38 0.57
CA THR A 39 -43.50 -12.82 0.72
C THR A 39 -42.07 -13.36 0.62
N GLU A 40 -41.88 -14.60 1.06
CA GLU A 40 -40.59 -15.28 0.88
C GLU A 40 -40.19 -15.33 -0.59
N ALA A 41 -41.14 -15.62 -1.47
CA ALA A 41 -40.84 -15.63 -2.91
C ALA A 41 -40.37 -14.26 -3.37
N GLN A 42 -41.01 -13.20 -2.88
CA GLN A 42 -40.60 -11.86 -3.28
C GLN A 42 -39.16 -11.56 -2.84
N MSE A 43 -38.82 -11.93 -1.62
CA MSE A 43 -37.42 -11.74 -1.18
C MSE A 43 -36.44 -12.53 -2.06
O MSE A 43 -35.33 -12.06 -2.35
CB MSE A 43 -37.25 -12.11 0.29
CG MSE A 43 -37.98 -11.20 1.28
SE MSE A 43 -37.44 -9.34 1.13
CE MSE A 43 -35.55 -9.53 1.62
N ASN A 44 -36.85 -13.73 -2.49
CA ASN A 44 -36.01 -14.60 -3.29
C ASN A 44 -35.91 -14.10 -4.73
N SER A 45 -36.67 -13.07 -5.08
CA SER A 45 -36.69 -12.56 -6.45
C SER A 45 -35.70 -11.41 -6.65
N LEU A 46 -35.09 -10.94 -5.55
CA LEU A 46 -34.19 -9.80 -5.62
C LEU A 46 -32.79 -10.23 -6.07
N THR A 47 -32.11 -9.34 -6.78
CA THR A 47 -30.77 -9.61 -7.30
C THR A 47 -29.71 -8.76 -6.62
N TYR A 48 -30.11 -7.56 -6.19
CA TYR A 48 -29.19 -6.58 -5.58
CA TYR A 48 -29.17 -6.69 -5.49
C TYR A 48 -29.89 -5.90 -4.43
N ILE A 49 -29.15 -5.61 -3.35
CA ILE A 49 -29.66 -4.74 -2.30
C ILE A 49 -28.57 -3.73 -1.99
N THR A 50 -28.92 -2.45 -2.11
CA THR A 50 -27.99 -1.37 -1.78
C THR A 50 -28.64 -0.44 -0.77
N LEU A 51 -28.05 -0.36 0.42
CA LEU A 51 -28.58 0.48 1.49
C LEU A 51 -27.51 1.51 1.81
N ALA A 52 -27.74 2.76 1.40
CA ALA A 52 -26.72 3.79 1.52
C ALA A 52 -27.28 5.06 2.13
N ASN A 53 -26.73 5.45 3.28
CA ASN A 53 -27.05 6.74 3.88
C ASN A 53 -28.53 6.87 4.18
N ILE A 54 -29.10 5.75 4.61
CA ILE A 54 -30.46 5.69 5.16
C ILE A 54 -30.34 4.92 6.48
N ASN A 55 -31.22 5.22 7.42
CA ASN A 55 -31.18 4.61 8.74
CA ASN A 55 -31.15 4.58 8.72
C ASN A 55 -31.91 3.27 8.76
N VAL A 56 -31.15 2.17 8.81
CA VAL A 56 -31.72 0.84 8.91
C VAL A 56 -31.08 0.18 10.13
N THR A 57 -31.86 0.05 11.20
CA THR A 57 -31.31 -0.48 12.44
C THR A 57 -31.23 -2.01 12.45
N ASP A 58 -32.04 -2.66 11.62
CA ASP A 58 -32.23 -4.10 11.69
C ASP A 58 -32.48 -4.65 10.29
N LEU A 59 -31.64 -5.62 9.88
CA LEU A 59 -31.74 -6.22 8.55
C LEU A 59 -32.58 -7.47 8.54
N THR A 60 -33.26 -7.76 9.66
CA THR A 60 -34.12 -8.94 9.75
C THR A 60 -35.08 -9.00 8.56
N GLY A 61 -35.14 -10.17 7.93
CA GLY A 61 -35.87 -10.37 6.68
C GLY A 61 -34.92 -10.66 5.53
N ILE A 62 -33.71 -10.10 5.59
CA ILE A 62 -32.76 -10.27 4.48
C ILE A 62 -32.29 -11.72 4.32
N GLU A 63 -32.45 -12.52 5.36
CA GLU A 63 -32.04 -13.91 5.29
C GLU A 63 -32.81 -14.70 4.22
N TYR A 64 -33.94 -14.15 3.77
CA TYR A 64 -34.74 -14.78 2.71
C TYR A 64 -34.31 -14.38 1.30
N ALA A 65 -33.35 -13.47 1.20
CA ALA A 65 -32.92 -12.99 -0.12
C ALA A 65 -31.86 -13.93 -0.69
N HIS A 66 -32.29 -15.16 -1.01
CA HIS A 66 -31.34 -16.22 -1.39
C HIS A 66 -30.68 -16.01 -2.74
N ASN A 67 -31.22 -15.09 -3.56
CA ASN A 67 -30.66 -14.89 -4.89
C ASN A 67 -29.87 -13.60 -5.06
N ILE A 68 -29.77 -12.78 -4.01
CA ILE A 68 -28.99 -11.56 -4.21
C ILE A 68 -27.51 -11.90 -4.44
N LYS A 69 -26.92 -11.23 -5.41
N LYS A 69 -26.93 -11.24 -5.42
CA LYS A 69 -25.51 -11.44 -5.73
CA LYS A 69 -25.52 -11.40 -5.75
C LYS A 69 -24.63 -10.35 -5.10
C LYS A 69 -24.67 -10.38 -5.01
N ASP A 70 -25.22 -9.19 -4.85
CA ASP A 70 -24.49 -8.05 -4.29
C ASP A 70 -25.28 -7.45 -3.15
N LEU A 71 -24.61 -7.25 -2.02
CA LEU A 71 -25.17 -6.52 -0.90
C LEU A 71 -24.20 -5.40 -0.60
N THR A 72 -24.66 -4.16 -0.74
CA THR A 72 -23.81 -3.00 -0.53
C THR A 72 -24.45 -2.12 0.53
N ILE A 73 -23.72 -1.88 1.62
CA ILE A 73 -24.25 -1.17 2.77
C ILE A 73 -23.25 -0.09 3.18
N ASN A 74 -23.72 1.14 3.25
CA ASN A 74 -22.85 2.26 3.63
C ASN A 74 -23.59 3.18 4.57
N ASN A 75 -23.05 3.33 5.79
CA ASN A 75 -23.59 4.29 6.77
C ASN A 75 -25.06 4.09 7.11
N ILE A 76 -25.46 2.87 7.46
CA ILE A 76 -26.85 2.65 7.84
C ILE A 76 -27.12 2.56 9.35
N HIS A 77 -26.06 2.54 10.16
CA HIS A 77 -26.21 2.52 11.62
C HIS A 77 -27.04 1.35 12.17
N ALA A 78 -26.86 0.17 11.58
CA ALA A 78 -27.49 -1.05 12.07
C ALA A 78 -26.94 -1.44 13.44
N THR A 79 -27.80 -2.01 14.27
CA THR A 79 -27.37 -2.52 15.57
C THR A 79 -26.32 -3.62 15.36
N ASN A 80 -26.58 -4.49 14.40
CA ASN A 80 -25.63 -5.51 13.98
C ASN A 80 -26.03 -5.97 12.58
N TYR A 81 -25.21 -6.83 12.00
CA TYR A 81 -25.41 -7.32 10.65
C TYR A 81 -25.64 -8.83 10.64
N ASN A 82 -26.07 -9.36 11.78
CA ASN A 82 -26.24 -10.80 11.93
C ASN A 82 -27.07 -11.53 10.86
N PRO A 83 -28.19 -10.94 10.39
CA PRO A 83 -29.03 -11.64 9.40
C PRO A 83 -28.36 -11.99 8.07
N ILE A 84 -27.15 -11.49 7.81
CA ILE A 84 -26.48 -11.80 6.54
C ILE A 84 -25.72 -13.12 6.58
N SER A 85 -25.62 -13.75 7.75
CA SER A 85 -24.64 -14.81 7.97
C SER A 85 -24.84 -16.06 7.12
N GLY A 86 -26.05 -16.27 6.63
CA GLY A 86 -26.35 -17.48 5.89
C GLY A 86 -26.55 -17.28 4.41
N LEU A 87 -26.17 -16.11 3.88
CA LEU A 87 -26.35 -15.81 2.47
C LEU A 87 -25.28 -16.50 1.62
N SER A 88 -25.39 -17.82 1.52
CA SER A 88 -24.37 -18.64 0.87
C SER A 88 -24.24 -18.49 -0.64
N ASN A 89 -25.18 -17.77 -1.27
CA ASN A 89 -25.08 -17.44 -2.70
C ASN A 89 -24.56 -16.03 -2.99
N LEU A 90 -24.36 -15.24 -1.94
CA LEU A 90 -23.88 -13.87 -2.11
C LEU A 90 -22.48 -13.86 -2.70
N GLU A 91 -22.26 -12.99 -3.69
CA GLU A 91 -20.95 -12.88 -4.33
C GLU A 91 -20.12 -11.69 -3.87
N ARG A 92 -20.76 -10.55 -3.68
CA ARG A 92 -20.03 -9.34 -3.29
CA ARG A 92 -20.04 -9.32 -3.31
C ARG A 92 -20.70 -8.69 -2.09
N LEU A 93 -19.92 -8.44 -1.05
CA LEU A 93 -20.43 -7.84 0.18
C LEU A 93 -19.59 -6.63 0.53
N ARG A 94 -20.26 -5.48 0.68
CA ARG A 94 -19.60 -4.28 1.15
C ARG A 94 -20.40 -3.75 2.32
N ILE A 95 -19.72 -3.56 3.45
CA ILE A 95 -20.31 -2.93 4.61
C ILE A 95 -19.34 -1.90 5.13
N MSE A 96 -19.78 -0.65 5.19
CA MSE A 96 -18.91 0.43 5.65
CA MSE A 96 -18.90 0.42 5.67
C MSE A 96 -19.64 1.33 6.63
O MSE A 96 -20.86 1.51 6.52
CB MSE A 96 -18.40 1.26 4.47
CB MSE A 96 -18.40 1.24 4.50
CG MSE A 96 -17.43 0.55 3.55
CG MSE A 96 -17.74 0.42 3.43
SE MSE A 96 -16.60 1.81 2.29
SE MSE A 96 -17.29 1.60 1.96
CE MSE A 96 -18.22 2.61 1.62
CE MSE A 96 -17.31 0.32 0.50
N GLY A 97 -18.90 1.90 7.58
CA GLY A 97 -19.48 2.89 8.48
C GLY A 97 -18.58 3.12 9.68
N LYS A 98 -18.47 4.38 10.11
CA LYS A 98 -17.56 4.70 11.21
CA LYS A 98 -17.58 4.72 11.23
C LYS A 98 -17.98 4.03 12.54
N ASP A 99 -19.24 3.62 12.63
CA ASP A 99 -19.71 2.93 13.83
C ASP A 99 -19.67 1.42 13.72
N VAL A 100 -19.13 0.90 12.61
CA VAL A 100 -19.18 -0.53 12.43
C VAL A 100 -17.95 -1.18 13.08
N THR A 101 -18.16 -1.69 14.28
CA THR A 101 -17.12 -2.42 14.98
C THR A 101 -17.24 -3.91 14.68
N SER A 102 -16.22 -4.67 15.04
CA SER A 102 -16.16 -6.06 14.62
C SER A 102 -17.23 -6.91 15.31
N ASP A 103 -17.61 -6.54 16.53
CA ASP A 103 -18.68 -7.26 17.21
C ASP A 103 -20.01 -7.20 16.44
N LYS A 104 -20.17 -6.19 15.59
CA LYS A 104 -21.44 -6.03 14.86
C LYS A 104 -21.54 -6.91 13.62
N ILE A 105 -20.42 -7.47 13.15
CA ILE A 105 -20.44 -8.36 11.99
CA ILE A 105 -20.47 -8.35 11.99
C ILE A 105 -20.38 -9.81 12.45
N PRO A 106 -21.32 -10.66 12.00
CA PRO A 106 -21.26 -12.06 12.42
C PRO A 106 -20.11 -12.81 11.76
N ASN A 107 -19.77 -13.98 12.28
CA ASN A 107 -18.84 -14.85 11.58
C ASN A 107 -19.35 -15.09 10.15
N LEU A 108 -18.49 -14.89 9.17
CA LEU A 108 -18.90 -14.93 7.76
C LEU A 108 -18.52 -16.23 7.07
N SER A 109 -18.08 -17.23 7.84
CA SER A 109 -17.58 -18.46 7.25
C SER A 109 -18.62 -19.22 6.39
N GLY A 110 -19.90 -18.89 6.57
CA GLY A 110 -20.96 -19.50 5.79
C GLY A 110 -21.26 -18.84 4.45
N LEU A 111 -20.51 -17.81 4.10
CA LEU A 111 -20.71 -17.13 2.81
C LEU A 111 -19.89 -17.84 1.74
N THR A 112 -20.39 -19.00 1.35
N THR A 112 -20.35 -19.02 1.36
CA THR A 112 -19.63 -19.96 0.54
CA THR A 112 -19.52 -19.92 0.56
C THR A 112 -19.32 -19.47 -0.88
C THR A 112 -19.30 -19.46 -0.89
N SER A 113 -20.13 -18.54 -1.38
CA SER A 113 -19.97 -18.04 -2.74
C SER A 113 -19.24 -16.70 -2.84
N LEU A 114 -18.89 -16.10 -1.69
CA LEU A 114 -18.39 -14.73 -1.68
C LEU A 114 -17.03 -14.64 -2.34
N THR A 115 -16.89 -13.73 -3.31
CA THR A 115 -15.61 -13.49 -3.96
C THR A 115 -15.01 -12.15 -3.60
N LEU A 116 -15.85 -11.21 -3.16
CA LEU A 116 -15.39 -9.86 -2.83
C LEU A 116 -15.93 -9.44 -1.47
N LEU A 117 -15.04 -8.99 -0.59
CA LEU A 117 -15.43 -8.45 0.71
C LEU A 117 -14.82 -7.07 0.87
N ASP A 118 -15.64 -6.08 1.19
CA ASP A 118 -15.14 -4.72 1.44
C ASP A 118 -15.72 -4.26 2.78
N ILE A 119 -14.87 -4.17 3.79
CA ILE A 119 -15.30 -3.64 5.09
C ILE A 119 -14.43 -2.45 5.48
N SER A 120 -14.06 -1.68 4.47
CA SER A 120 -13.25 -0.49 4.67
C SER A 120 -13.99 0.64 5.40
N HIS A 121 -13.23 1.65 5.80
CA HIS A 121 -13.78 2.87 6.39
C HIS A 121 -14.72 2.57 7.55
N SER A 122 -14.24 1.77 8.49
CA SER A 122 -15.07 1.34 9.59
C SER A 122 -14.25 1.36 10.87
N ALA A 123 -14.63 0.56 11.86
CA ALA A 123 -13.93 0.58 13.15
C ALA A 123 -13.56 -0.84 13.58
N HIS A 124 -13.07 -1.63 12.63
CA HIS A 124 -12.72 -3.02 12.90
C HIS A 124 -11.41 -3.18 13.62
N ASP A 125 -11.32 -4.25 14.40
CA ASP A 125 -10.05 -4.59 15.03
C ASP A 125 -9.72 -6.04 14.75
N ASP A 126 -8.78 -6.62 15.49
CA ASP A 126 -8.32 -7.95 15.10
C ASP A 126 -9.35 -9.05 15.32
N SER A 127 -10.41 -8.77 16.05
CA SER A 127 -11.49 -9.74 16.25
CA SER A 127 -11.44 -9.79 16.25
C SER A 127 -12.20 -10.10 14.95
N ILE A 128 -12.08 -9.24 13.93
CA ILE A 128 -12.71 -9.52 12.63
C ILE A 128 -12.00 -10.65 11.90
N LEU A 129 -10.73 -10.89 12.24
CA LEU A 129 -9.91 -11.79 11.44
C LEU A 129 -10.42 -13.21 11.40
N THR A 130 -10.78 -13.77 12.55
CA THR A 130 -11.26 -15.14 12.62
CA THR A 130 -11.25 -15.14 12.60
C THR A 130 -12.68 -15.25 12.07
N LYS A 131 -13.33 -14.11 11.83
CA LYS A 131 -14.67 -14.13 11.25
C LYS A 131 -14.63 -14.18 9.73
N ILE A 132 -13.48 -13.84 9.15
CA ILE A 132 -13.38 -13.73 7.69
C ILE A 132 -12.27 -14.59 7.06
N ASN A 133 -11.53 -15.34 7.87
CA ASN A 133 -10.35 -16.03 7.35
C ASN A 133 -10.55 -17.45 6.84
N THR A 134 -11.79 -17.91 6.75
CA THR A 134 -12.01 -19.20 6.09
C THR A 134 -13.00 -19.15 4.94
N LEU A 135 -13.35 -17.94 4.51
CA LEU A 135 -14.19 -17.77 3.33
C LEU A 135 -13.55 -18.52 2.16
N PRO A 136 -14.25 -19.53 1.64
CA PRO A 136 -13.56 -20.45 0.72
C PRO A 136 -13.30 -19.90 -0.69
N LYS A 137 -14.04 -18.88 -1.10
N LYS A 137 -14.04 -18.88 -1.11
CA LYS A 137 -13.92 -18.35 -2.46
CA LYS A 137 -13.89 -18.35 -2.47
C LYS A 137 -13.47 -16.89 -2.54
C LYS A 137 -13.50 -16.88 -2.54
N VAL A 138 -13.28 -16.25 -1.40
CA VAL A 138 -13.00 -14.82 -1.40
C VAL A 138 -11.64 -14.56 -2.09
N ASN A 139 -11.68 -13.68 -3.09
CA ASN A 139 -10.44 -13.41 -3.77
CA ASN A 139 -10.56 -13.33 -3.96
C ASN A 139 -9.93 -11.99 -3.58
N SER A 140 -10.76 -11.08 -3.11
CA SER A 140 -10.32 -9.73 -2.77
C SER A 140 -10.95 -9.28 -1.46
N ILE A 141 -10.13 -8.75 -0.58
CA ILE A 141 -10.59 -8.17 0.68
C ILE A 141 -10.06 -6.76 0.84
N ASP A 142 -10.97 -5.81 1.10
CA ASP A 142 -10.58 -4.44 1.41
C ASP A 142 -10.83 -4.18 2.88
N LEU A 143 -9.74 -4.07 3.64
CA LEU A 143 -9.78 -3.75 5.07
C LEU A 143 -9.29 -2.32 5.34
N SER A 144 -9.15 -1.52 4.30
CA SER A 144 -8.51 -0.21 4.47
C SER A 144 -9.29 0.74 5.36
N TYR A 145 -8.58 1.71 5.94
CA TYR A 145 -9.20 2.71 6.82
C TYR A 145 -9.93 2.05 7.99
N ASN A 146 -9.26 1.06 8.57
CA ASN A 146 -9.59 0.49 9.89
C ASN A 146 -8.31 0.55 10.72
N GLY A 147 -8.11 1.65 11.43
CA GLY A 147 -6.89 1.88 12.16
C GLY A 147 -6.54 0.86 13.24
N ALA A 148 -7.55 0.12 13.70
CA ALA A 148 -7.36 -0.86 14.76
C ALA A 148 -7.07 -2.28 14.27
N ILE A 149 -6.98 -2.47 12.95
CA ILE A 149 -6.52 -3.75 12.45
CA ILE A 149 -6.51 -3.72 12.38
C ILE A 149 -4.98 -3.72 12.44
N THR A 150 -4.38 -4.64 13.20
CA THR A 150 -2.94 -4.64 13.41
C THR A 150 -2.23 -5.93 13.00
N ASP A 151 -3.01 -6.97 12.71
CA ASP A 151 -2.49 -8.32 12.48
C ASP A 151 -3.09 -8.83 11.17
N ILE A 152 -2.26 -9.29 10.24
CA ILE A 152 -2.80 -9.87 9.00
C ILE A 152 -2.56 -11.37 8.93
N MSE A 153 -1.75 -11.88 9.84
N MSE A 153 -1.74 -11.87 9.84
CA MSE A 153 -1.33 -13.29 9.83
CA MSE A 153 -1.33 -13.28 9.84
C MSE A 153 -2.46 -14.32 9.71
C MSE A 153 -2.46 -14.32 9.71
O MSE A 153 -2.33 -15.28 8.94
O MSE A 153 -2.33 -15.26 8.94
CB MSE A 153 -0.44 -13.61 11.04
CB MSE A 153 -0.43 -13.59 11.05
CG MSE A 153 0.73 -12.66 11.19
CG MSE A 153 -0.20 -15.07 11.30
SE MSE A 153 2.04 -13.23 12.51
SE MSE A 153 1.36 -15.41 12.44
CE MSE A 153 2.74 -14.80 11.58
CE MSE A 153 1.17 -13.91 13.68
N PRO A 154 -3.58 -14.14 10.45
CA PRO A 154 -4.65 -15.13 10.32
C PRO A 154 -5.23 -15.26 8.91
N LEU A 155 -5.03 -14.25 8.07
CA LEU A 155 -5.58 -14.32 6.71
C LEU A 155 -4.87 -15.31 5.80
N LYS A 156 -3.76 -15.87 6.27
CA LYS A 156 -3.06 -16.90 5.49
C LYS A 156 -3.91 -18.14 5.25
N THR A 157 -4.96 -18.32 6.05
CA THR A 157 -5.81 -19.52 5.91
C THR A 157 -6.82 -19.41 4.76
N LEU A 158 -6.90 -18.24 4.13
CA LEU A 158 -7.78 -18.07 2.98
C LEU A 158 -7.18 -18.70 1.74
N PRO A 159 -7.88 -19.67 1.15
CA PRO A 159 -7.26 -20.42 0.05
C PRO A 159 -7.23 -19.69 -1.30
N GLU A 160 -8.11 -18.71 -1.50
CA GLU A 160 -8.24 -18.09 -2.82
C GLU A 160 -7.94 -16.60 -2.84
N LEU A 161 -7.44 -16.06 -1.73
CA LEU A 161 -7.20 -14.63 -1.62
C LEU A 161 -6.07 -14.15 -2.52
N LYS A 162 -6.39 -13.26 -3.47
CA LYS A 162 -5.37 -12.72 -4.38
C LYS A 162 -5.04 -11.25 -4.12
N SER A 163 -6.02 -10.50 -3.63
CA SER A 163 -5.86 -9.06 -3.47
C SER A 163 -6.25 -8.62 -2.06
N LEU A 164 -5.35 -7.92 -1.39
CA LEU A 164 -5.57 -7.48 -0.02
C LEU A 164 -5.23 -6.01 0.10
N ASN A 165 -6.16 -5.23 0.65
CA ASN A 165 -5.96 -3.80 0.85
C ASN A 165 -5.98 -3.49 2.35
N ILE A 166 -4.84 -3.12 2.90
CA ILE A 166 -4.74 -2.72 4.31
C ILE A 166 -4.25 -1.28 4.45
N GLN A 167 -4.48 -0.46 3.44
CA GLN A 167 -4.04 0.94 3.53
C GLN A 167 -4.69 1.62 4.72
N PHE A 168 -3.90 2.40 5.47
CA PHE A 168 -4.40 3.19 6.58
C PHE A 168 -5.03 2.33 7.68
N ASP A 169 -4.46 1.14 7.85
CA ASP A 169 -4.76 0.35 9.04
C ASP A 169 -3.66 0.60 10.06
N GLY A 170 -3.51 -0.31 11.01
CA GLY A 170 -2.50 -0.18 12.04
C GLY A 170 -1.47 -1.30 11.99
N VAL A 171 -1.26 -1.85 10.79
CA VAL A 171 -0.36 -2.98 10.63
C VAL A 171 1.08 -2.50 10.56
N HIS A 172 1.92 -3.04 11.46
CA HIS A 172 3.35 -2.69 11.49
CA HIS A 172 3.34 -2.70 11.46
C HIS A 172 4.23 -3.94 11.58
N ASP A 173 3.65 -5.10 11.35
CA ASP A 173 4.34 -6.39 11.39
C ASP A 173 3.84 -7.19 10.21
N TYR A 174 4.73 -7.55 9.29
CA TYR A 174 4.33 -8.20 8.05
CA TYR A 174 4.32 -8.20 8.06
C TYR A 174 4.74 -9.66 7.98
N ARG A 175 5.29 -10.19 9.08
CA ARG A 175 5.62 -11.60 9.15
C ARG A 175 4.35 -12.42 8.97
N GLY A 176 4.43 -13.52 8.21
CA GLY A 176 3.27 -14.34 7.93
C GLY A 176 2.73 -14.14 6.53
N ILE A 177 3.06 -13.02 5.91
CA ILE A 177 2.58 -12.73 4.56
C ILE A 177 3.06 -13.78 3.54
N GLU A 178 4.20 -14.40 3.83
CA GLU A 178 4.77 -15.42 2.94
C GLU A 178 3.91 -16.69 2.91
N ASP A 179 3.01 -16.83 3.88
CA ASP A 179 2.18 -18.03 3.98
C ASP A 179 0.87 -17.93 3.19
N PHE A 180 0.59 -16.76 2.63
CA PHE A 180 -0.63 -16.56 1.84
C PHE A 180 -0.40 -17.27 0.50
N PRO A 181 -1.24 -18.27 0.17
CA PRO A 181 -0.96 -19.12 -0.99
CA PRO A 181 -1.00 -19.13 -0.99
C PRO A 181 -1.11 -18.42 -2.34
N LYS A 182 -1.99 -17.43 -2.45
CA LYS A 182 -2.27 -16.86 -3.77
C LYS A 182 -2.14 -15.35 -3.85
N LEU A 183 -1.71 -14.71 -2.76
CA LEU A 183 -1.64 -13.26 -2.73
C LEU A 183 -0.74 -12.73 -3.84
N ASN A 184 -1.27 -11.87 -4.69
CA ASN A 184 -0.46 -11.27 -5.75
C ASN A 184 -0.68 -9.78 -5.96
N GLN A 185 -1.57 -9.19 -5.16
CA GLN A 185 -1.78 -7.75 -5.17
C GLN A 185 -1.95 -7.29 -3.73
N LEU A 186 -1.12 -6.34 -3.33
CA LEU A 186 -1.14 -5.81 -1.98
C LEU A 186 -1.19 -4.29 -2.04
N TYR A 187 -2.07 -3.72 -1.23
CA TYR A 187 -2.16 -2.27 -1.07
C TYR A 187 -1.93 -1.99 0.40
N ALA A 188 -0.85 -1.30 0.72
CA ALA A 188 -0.49 -1.05 2.10
C ALA A 188 0.01 0.38 2.25
N PHE A 189 -0.30 0.99 3.39
CA PHE A 189 0.10 2.36 3.65
C PHE A 189 -0.02 2.62 5.14
N SER A 190 1.11 2.96 5.76
CA SER A 190 1.18 3.21 7.20
C SER A 190 0.86 4.66 7.54
N GLN A 191 0.14 4.84 8.65
CA GLN A 191 -0.31 6.15 9.19
C GLN A 191 -0.30 7.34 8.24
N ALA B 10 47.11 19.68 -0.72
CA ALA B 10 46.22 19.73 -1.87
C ALA B 10 44.95 20.53 -1.60
N SER B 11 44.79 21.00 -0.36
CA SER B 11 43.57 21.72 0.02
C SER B 11 43.33 22.99 -0.80
N GLN B 12 44.41 23.60 -1.28
CA GLN B 12 44.30 24.82 -2.09
C GLN B 12 44.29 24.52 -3.60
N ASP B 13 44.33 23.24 -3.97
CA ASP B 13 44.31 22.89 -5.38
C ASP B 13 42.91 23.07 -5.94
N ASN B 14 42.82 23.56 -7.16
CA ASN B 14 41.53 23.71 -7.80
C ASN B 14 40.95 22.36 -8.19
N VAL B 15 39.63 22.26 -8.14
CA VAL B 15 38.93 21.04 -8.45
C VAL B 15 38.43 21.07 -9.89
N ASN B 16 38.65 19.97 -10.61
CA ASN B 16 38.14 19.82 -11.94
C ASN B 16 36.64 19.55 -11.91
N ILE B 17 35.86 20.52 -12.36
CA ILE B 17 34.41 20.38 -12.44
C ILE B 17 34.05 20.68 -13.90
N PRO B 18 34.13 19.64 -14.76
CA PRO B 18 34.03 19.85 -16.21
C PRO B 18 32.63 20.26 -16.69
N ASP B 19 31.60 19.98 -15.91
CA ASP B 19 30.26 20.40 -16.26
C ASP B 19 30.03 21.84 -15.83
N SER B 20 29.89 22.74 -16.79
N SER B 20 29.89 22.74 -16.79
CA SER B 20 29.77 24.17 -16.50
CA SER B 20 29.77 24.17 -16.49
C SER B 20 28.53 24.52 -15.68
C SER B 20 28.52 24.54 -15.70
N THR B 21 27.44 23.77 -15.88
CA THR B 21 26.21 24.03 -15.14
C THR B 21 26.37 23.62 -13.67
N PHE B 22 27.00 22.47 -13.44
CA PHE B 22 27.30 22.03 -12.08
C PHE B 22 28.25 23.03 -11.40
N LYS B 23 29.29 23.44 -12.12
CA LYS B 23 30.25 24.40 -11.57
C LYS B 23 29.59 25.72 -11.22
N ALA B 24 28.65 26.16 -12.05
CA ALA B 24 27.89 27.38 -11.77
C ALA B 24 27.09 27.24 -10.49
N TYR B 25 26.44 26.09 -10.33
CA TYR B 25 25.68 25.80 -9.13
C TYR B 25 26.57 25.86 -7.88
N LEU B 26 27.71 25.20 -7.94
CA LEU B 26 28.60 25.15 -6.79
C LEU B 26 29.14 26.54 -6.45
N ASN B 27 29.47 27.31 -7.46
CA ASN B 27 29.94 28.67 -7.25
C ASN B 27 28.89 29.53 -6.57
N GLY B 28 27.63 29.32 -6.94
CA GLY B 28 26.52 29.97 -6.29
C GLY B 28 26.47 29.71 -4.80
N LEU B 29 26.72 28.45 -4.40
CA LEU B 29 26.73 28.10 -2.99
C LEU B 29 27.89 28.78 -2.27
N LEU B 30 28.95 29.04 -3.01
CA LEU B 30 30.19 29.60 -2.46
C LEU B 30 30.29 31.11 -2.59
N GLY B 31 29.23 31.73 -3.12
CA GLY B 31 29.21 33.17 -3.30
C GLY B 31 30.21 33.67 -4.33
N GLN B 32 30.51 32.84 -5.33
CA GLN B 32 31.45 33.18 -6.39
C GLN B 32 30.73 33.31 -7.73
N SER B 33 31.40 33.93 -8.70
CA SER B 33 30.83 34.02 -10.04
C SER B 33 30.80 32.65 -10.69
N SER B 34 29.94 32.49 -11.69
CA SER B 34 29.63 31.17 -12.24
C SER B 34 30.82 30.36 -12.75
N THR B 35 31.84 31.01 -13.30
CA THR B 35 33.00 30.30 -13.85
C THR B 35 34.25 30.35 -12.98
N ALA B 36 34.13 30.88 -11.76
CA ALA B 36 35.25 30.96 -10.83
C ALA B 36 35.79 29.58 -10.49
N ASN B 37 37.10 29.52 -10.21
CA ASN B 37 37.68 28.28 -9.74
C ASN B 37 37.33 27.96 -8.29
N ILE B 38 37.33 26.66 -7.97
CA ILE B 38 36.91 26.16 -6.66
C ILE B 38 37.98 25.24 -6.10
N THR B 39 38.40 25.49 -4.87
CA THR B 39 39.44 24.68 -4.26
C THR B 39 38.88 23.44 -3.58
N GLU B 40 39.76 22.47 -3.30
CA GLU B 40 39.37 21.29 -2.55
C GLU B 40 38.79 21.69 -1.19
N ALA B 41 39.39 22.69 -0.54
CA ALA B 41 38.91 23.12 0.76
C ALA B 41 37.48 23.66 0.67
N GLN B 42 37.21 24.42 -0.38
CA GLN B 42 35.86 24.96 -0.59
C GLN B 42 34.83 23.84 -0.77
N MSE B 43 35.16 22.83 -1.57
CA MSE B 43 34.25 21.70 -1.75
C MSE B 43 34.00 20.99 -0.42
O MSE B 43 32.89 20.55 -0.14
CB MSE B 43 34.81 20.70 -2.76
CG MSE B 43 34.88 21.20 -4.21
SE MSE B 43 33.15 21.70 -4.92
CE MSE B 43 32.32 19.94 -4.89
N ASN B 44 35.04 20.91 0.41
CA ASN B 44 34.98 20.23 1.69
C ASN B 44 34.12 21.00 2.71
N SER B 45 33.78 22.25 2.39
CA SER B 45 33.02 23.11 3.29
C SER B 45 31.51 22.99 3.08
N LEU B 46 31.12 22.33 1.98
CA LEU B 46 29.71 22.25 1.63
C LEU B 46 28.99 21.22 2.48
N THR B 47 27.69 21.45 2.68
CA THR B 47 26.88 20.56 3.51
C THR B 47 25.69 19.97 2.77
N TYR B 48 25.29 20.59 1.67
CA TYR B 48 24.20 20.06 0.85
C TYR B 48 24.40 20.42 -0.61
N ILE B 49 23.87 19.60 -1.49
CA ILE B 49 23.79 19.92 -2.90
C ILE B 49 22.41 19.50 -3.39
N THR B 50 21.72 20.40 -4.07
CA THR B 50 20.38 20.12 -4.58
C THR B 50 20.32 20.53 -6.03
N LEU B 51 20.07 19.55 -6.90
CA LEU B 51 20.02 19.76 -8.35
C LEU B 51 18.68 19.23 -8.82
N ALA B 52 17.75 20.13 -9.10
CA ALA B 52 16.41 19.71 -9.47
C ALA B 52 16.00 20.36 -10.77
N ASN B 53 15.79 19.53 -11.78
CA ASN B 53 15.37 19.97 -13.11
C ASN B 53 16.33 20.96 -13.74
N ILE B 54 17.62 20.80 -13.43
N ILE B 54 17.62 20.76 -13.46
CA ILE B 54 18.67 21.51 -14.15
CA ILE B 54 18.69 21.52 -14.06
C ILE B 54 19.56 20.47 -14.82
C ILE B 54 19.61 20.53 -14.77
N ASN B 55 20.15 20.83 -15.96
N ASN B 55 20.00 20.86 -16.00
CA ASN B 55 20.90 19.86 -16.75
CA ASN B 55 20.78 19.95 -16.82
C ASN B 55 22.36 19.71 -16.32
C ASN B 55 22.24 19.81 -16.35
N VAL B 56 22.65 18.65 -15.58
N VAL B 56 22.54 18.70 -15.69
CA VAL B 56 24.03 18.34 -15.17
CA VAL B 56 23.92 18.38 -15.29
C VAL B 56 24.41 16.95 -15.67
C VAL B 56 24.26 16.98 -15.78
N THR B 57 25.15 16.91 -16.78
CA THR B 57 25.48 15.63 -17.39
C THR B 57 26.61 14.87 -16.70
N ASP B 58 27.41 15.58 -15.92
CA ASP B 58 28.60 15.00 -15.34
C ASP B 58 28.78 15.58 -13.94
N LEU B 59 28.81 14.70 -12.94
CA LEU B 59 28.96 15.12 -11.55
C LEU B 59 30.42 15.12 -11.08
N THR B 60 31.35 14.94 -12.01
CA THR B 60 32.77 15.00 -11.69
C THR B 60 33.12 16.26 -10.89
N GLY B 61 33.81 16.06 -9.79
CA GLY B 61 34.08 17.10 -8.82
C GLY B 61 33.38 16.89 -7.49
N ILE B 62 32.20 16.26 -7.54
CA ILE B 62 31.41 16.08 -6.31
C ILE B 62 32.12 15.16 -5.31
N GLU B 63 33.06 14.34 -5.78
CA GLU B 63 33.78 13.44 -4.88
C GLU B 63 34.61 14.19 -3.83
N TYR B 64 34.84 15.48 -4.07
CA TYR B 64 35.55 16.33 -3.11
C TYR B 64 34.66 16.93 -2.03
N ALA B 65 33.34 16.74 -2.16
CA ALA B 65 32.39 17.28 -1.18
C ALA B 65 32.24 16.33 0.01
N HIS B 66 33.33 16.17 0.77
CA HIS B 66 33.43 15.13 1.78
C HIS B 66 32.43 15.31 2.91
N ASN B 67 31.96 16.54 3.10
CA ASN B 67 31.08 16.84 4.21
C ASN B 67 29.62 17.02 3.87
N ILE B 68 29.21 16.76 2.64
CA ILE B 68 27.79 16.96 2.37
C ILE B 68 26.98 15.87 3.06
N LYS B 69 25.87 16.31 3.66
N LYS B 69 25.88 16.28 3.68
CA LYS B 69 25.01 15.43 4.43
CA LYS B 69 25.04 15.31 4.37
C LYS B 69 23.73 15.12 3.65
C LYS B 69 23.77 15.05 3.56
N ASP B 70 23.36 16.01 2.73
CA ASP B 70 22.15 15.86 1.93
C ASP B 70 22.49 16.07 0.47
N LEU B 71 22.11 15.11 -0.37
CA LEU B 71 22.28 15.22 -1.81
C LEU B 71 20.94 14.90 -2.43
N THR B 72 20.37 15.88 -3.13
CA THR B 72 19.04 15.77 -3.70
C THR B 72 19.13 16.07 -5.18
N ILE B 73 18.80 15.06 -6.00
CA ILE B 73 18.93 15.15 -7.45
C ILE B 73 17.64 14.69 -8.10
N ASN B 74 17.11 15.50 -9.00
CA ASN B 74 15.90 15.15 -9.71
C ASN B 74 16.00 15.61 -11.16
N ASN B 75 15.96 14.64 -12.07
N ASN B 75 15.94 14.65 -12.08
CA ASN B 75 15.88 14.91 -13.50
CA ASN B 75 15.88 14.94 -13.52
C ASN B 75 17.04 15.77 -14.01
C ASN B 75 17.05 15.73 -14.07
N ILE B 76 18.27 15.38 -13.69
CA ILE B 76 19.43 16.13 -14.17
C ILE B 76 20.12 15.52 -15.38
N HIS B 77 19.73 14.32 -15.76
CA HIS B 77 20.25 13.65 -16.96
C HIS B 77 21.75 13.42 -16.91
N ALA B 78 22.24 13.01 -15.75
CA ALA B 78 23.64 12.66 -15.60
C ALA B 78 23.95 11.35 -16.31
N THR B 79 25.15 11.24 -16.89
CA THR B 79 25.57 10.01 -17.54
C THR B 79 25.61 8.86 -16.54
N ASN B 80 26.09 9.17 -15.33
CA ASN B 80 26.03 8.23 -14.23
C ASN B 80 26.26 8.98 -12.92
N TYR B 81 26.16 8.27 -11.80
CA TYR B 81 26.29 8.87 -10.48
C TYR B 81 27.48 8.27 -9.77
N ASN B 82 28.41 7.70 -10.54
CA ASN B 82 29.59 7.10 -9.93
C ASN B 82 30.37 7.95 -8.92
N PRO B 83 30.49 9.28 -9.19
CA PRO B 83 31.27 10.08 -8.23
C PRO B 83 30.69 10.21 -6.82
N ILE B 84 29.51 9.67 -6.55
CA ILE B 84 28.98 9.74 -5.19
C ILE B 84 29.42 8.58 -4.29
N SER B 85 30.11 7.61 -4.86
N SER B 85 30.11 7.61 -4.87
CA SER B 85 30.35 6.34 -4.18
CA SER B 85 30.44 6.34 -4.22
C SER B 85 31.18 6.43 -2.90
C SER B 85 31.11 6.48 -2.87
N GLY B 86 31.93 7.52 -2.73
CA GLY B 86 32.74 7.68 -1.54
C GLY B 86 32.24 8.74 -0.56
N LEU B 87 31.01 9.20 -0.76
CA LEU B 87 30.47 10.26 0.08
C LEU B 87 29.94 9.70 1.41
N SER B 88 30.89 9.34 2.27
CA SER B 88 30.62 8.58 3.48
C SER B 88 29.86 9.34 4.55
N ASN B 89 29.76 10.65 4.42
CA ASN B 89 28.98 11.43 5.40
C ASN B 89 27.55 11.72 4.98
N LEU B 90 27.17 11.27 3.78
CA LEU B 90 25.78 11.44 3.35
C LEU B 90 24.81 10.77 4.30
N GLU B 91 23.76 11.51 4.65
CA GLU B 91 22.70 10.99 5.50
C GLU B 91 21.42 10.77 4.68
N ARG B 92 21.14 11.69 3.76
CA ARG B 92 19.92 11.62 2.95
C ARG B 92 20.28 11.77 1.48
N LEU B 93 19.97 10.73 0.71
CA LEU B 93 20.26 10.68 -0.73
C LEU B 93 18.98 10.47 -1.52
N ARG B 94 18.70 11.40 -2.41
CA ARG B 94 17.56 11.29 -3.31
C ARG B 94 18.07 11.45 -4.73
N ILE B 95 17.82 10.44 -5.56
CA ILE B 95 18.15 10.50 -6.99
C ILE B 95 16.93 10.02 -7.75
N MSE B 96 16.33 10.90 -8.53
CA MSE B 96 15.15 10.54 -9.32
CA MSE B 96 15.13 10.57 -9.31
CA MSE B 96 15.17 10.50 -9.32
C MSE B 96 15.30 10.98 -10.76
O MSE B 96 16.00 11.95 -11.04
CB MSE B 96 13.88 11.17 -8.73
CB MSE B 96 13.90 11.29 -8.77
CB MSE B 96 13.90 11.04 -8.68
CG MSE B 96 13.51 10.71 -7.32
CG MSE B 96 13.61 11.15 -7.28
CG MSE B 96 13.71 10.53 -7.26
SE MSE B 96 11.78 11.40 -6.77
SE MSE B 96 11.87 11.93 -6.89
SE MSE B 96 12.49 11.63 -6.23
CE MSE B 96 12.09 13.29 -7.15
CE MSE B 96 12.08 12.28 -4.99
CE MSE B 96 11.02 11.69 -7.50
N GLY B 97 14.63 10.29 -11.66
CA GLY B 97 14.64 10.68 -13.06
C GLY B 97 14.27 9.53 -13.95
N LYS B 98 13.46 9.82 -14.96
CA LYS B 98 12.99 8.78 -15.88
CA LYS B 98 12.99 8.79 -15.88
C LYS B 98 14.14 8.09 -16.61
N ASP B 99 15.27 8.78 -16.76
CA ASP B 99 16.43 8.17 -17.41
C ASP B 99 17.40 7.47 -16.47
N VAL B 100 17.07 7.37 -15.18
CA VAL B 100 18.01 6.75 -14.25
C VAL B 100 17.81 5.23 -14.21
N THR B 101 18.58 4.54 -15.04
CA THR B 101 18.62 3.08 -15.04
C THR B 101 19.66 2.61 -14.01
N SER B 102 19.58 1.33 -13.65
CA SER B 102 20.37 0.84 -12.51
C SER B 102 21.88 0.85 -12.73
N ASP B 103 22.30 0.75 -13.99
CA ASP B 103 23.72 0.84 -14.32
C ASP B 103 24.34 2.17 -13.91
N LYS B 104 23.51 3.20 -13.76
CA LYS B 104 24.01 4.56 -13.50
C LYS B 104 24.36 4.78 -12.04
N ILE B 105 23.87 3.91 -11.16
CA ILE B 105 24.13 4.07 -9.74
C ILE B 105 25.18 3.08 -9.27
N PRO B 106 26.25 3.56 -8.62
CA PRO B 106 27.30 2.64 -8.17
C PRO B 106 26.85 1.86 -6.94
N ASN B 107 27.59 0.80 -6.59
CA ASN B 107 27.39 0.16 -5.31
C ASN B 107 27.52 1.19 -4.19
N LEU B 108 26.57 1.19 -3.25
CA LEU B 108 26.55 2.21 -2.21
C LEU B 108 27.09 1.77 -0.85
N SER B 109 27.87 0.68 -0.81
CA SER B 109 28.36 0.17 0.48
C SER B 109 29.19 1.19 1.27
N GLY B 110 29.74 2.18 0.58
CA GLY B 110 30.56 3.19 1.23
C GLY B 110 29.76 4.29 1.91
N LEU B 111 28.44 4.27 1.72
CA LEU B 111 27.58 5.28 2.32
C LEU B 111 27.18 4.86 3.72
N THR B 112 28.16 4.86 4.61
CA THR B 112 28.01 4.27 5.93
C THR B 112 27.21 5.11 6.91
N SER B 113 26.93 6.36 6.55
CA SER B 113 26.09 7.21 7.40
C SER B 113 24.68 7.37 6.86
N LEU B 114 24.39 6.76 5.71
CA LEU B 114 23.09 6.99 5.06
C LEU B 114 21.91 6.42 5.84
N THR B 115 20.93 7.27 6.12
CA THR B 115 19.72 6.82 6.81
C THR B 115 18.50 6.84 5.90
N LEU B 116 18.54 7.63 4.82
CA LEU B 116 17.41 7.72 3.90
C LEU B 116 17.90 7.61 2.46
N LEU B 117 17.27 6.71 1.70
CA LEU B 117 17.56 6.55 0.28
C LEU B 117 16.25 6.67 -0.49
N ASP B 118 16.23 7.53 -1.49
CA ASP B 118 15.05 7.69 -2.33
C ASP B 118 15.51 7.60 -3.76
N ILE B 119 15.15 6.51 -4.44
CA ILE B 119 15.45 6.36 -5.85
C ILE B 119 14.16 6.11 -6.63
N SER B 120 13.10 6.75 -6.17
CA SER B 120 11.78 6.64 -6.81
C SER B 120 11.72 7.29 -8.19
N HIS B 121 10.63 7.01 -8.92
CA HIS B 121 10.36 7.70 -10.19
C HIS B 121 11.56 7.62 -11.14
N SER B 122 12.05 6.41 -11.34
CA SER B 122 13.25 6.19 -12.13
C SER B 122 13.03 4.99 -13.05
N ALA B 123 14.09 4.36 -13.52
CA ALA B 123 13.96 3.23 -14.42
C ALA B 123 14.76 2.03 -13.93
N HIS B 124 14.69 1.79 -12.62
CA HIS B 124 15.47 0.72 -12.00
C HIS B 124 14.93 -0.67 -12.23
N ASP B 125 15.85 -1.63 -12.30
CA ASP B 125 15.49 -3.03 -12.36
C ASP B 125 16.01 -3.76 -11.11
N ASP B 126 15.86 -5.07 -11.08
CA ASP B 126 16.25 -5.84 -9.90
C ASP B 126 17.75 -5.75 -9.58
N SER B 127 18.57 -5.36 -10.55
CA SER B 127 20.00 -5.25 -10.29
C SER B 127 20.35 -4.14 -9.29
N ILE B 128 19.43 -3.20 -9.06
CA ILE B 128 19.72 -2.13 -8.11
C ILE B 128 19.78 -2.69 -6.68
N LEU B 129 19.11 -3.81 -6.45
CA LEU B 129 18.95 -4.28 -5.08
C LEU B 129 20.26 -4.74 -4.44
N THR B 130 21.15 -5.33 -5.22
CA THR B 130 22.44 -5.77 -4.71
C THR B 130 23.47 -4.64 -4.61
N LYS B 131 23.08 -3.44 -5.03
CA LYS B 131 23.90 -2.25 -4.86
C LYS B 131 23.55 -1.49 -3.59
N ILE B 132 22.36 -1.76 -3.06
CA ILE B 132 21.82 -0.99 -1.94
C ILE B 132 21.50 -1.83 -0.70
N ASN B 133 21.78 -3.12 -0.75
CA ASN B 133 21.36 -3.98 0.36
C ASN B 133 22.40 -4.23 1.45
N THR B 134 23.46 -3.43 1.46
CA THR B 134 24.42 -3.54 2.56
C THR B 134 24.57 -2.25 3.37
N LEU B 135 23.76 -1.25 3.06
CA LEU B 135 23.77 0.03 3.77
C LEU B 135 23.52 -0.19 5.25
N PRO B 136 24.54 0.05 6.09
CA PRO B 136 24.48 -0.33 7.51
C PRO B 136 23.50 0.48 8.36
N LYS B 137 23.19 1.71 7.95
CA LYS B 137 22.34 2.59 8.75
C LYS B 137 21.04 2.98 8.06
N VAL B 138 20.81 2.49 6.84
CA VAL B 138 19.64 2.98 6.12
C VAL B 138 18.36 2.53 6.81
N ASN B 139 17.48 3.49 7.06
CA ASN B 139 16.24 3.33 7.82
CA ASN B 139 16.25 3.12 7.74
C ASN B 139 15.02 3.32 6.90
N SER B 140 15.14 4.07 5.81
CA SER B 140 14.04 4.16 4.86
CA SER B 140 14.04 4.27 4.87
C SER B 140 14.53 4.13 3.43
N ILE B 141 13.83 3.36 2.61
CA ILE B 141 14.13 3.25 1.20
C ILE B 141 12.86 3.47 0.41
N ASP B 142 12.90 4.40 -0.53
CA ASP B 142 11.79 4.61 -1.44
C ASP B 142 12.18 4.11 -2.83
N LEU B 143 11.54 3.02 -3.25
CA LEU B 143 11.76 2.42 -4.57
C LEU B 143 10.54 2.62 -5.46
N SER B 144 9.61 3.46 -5.04
CA SER B 144 8.32 3.55 -5.74
C SER B 144 8.46 4.06 -7.17
N TYR B 145 7.49 3.71 -8.01
CA TYR B 145 7.47 4.16 -9.40
C TYR B 145 8.74 3.72 -10.14
N ASN B 146 9.13 2.47 -9.90
CA ASN B 146 10.09 1.76 -10.72
C ASN B 146 9.43 0.45 -11.14
N GLY B 147 8.75 0.49 -12.29
CA GLY B 147 7.91 -0.62 -12.72
C GLY B 147 8.65 -1.93 -12.96
N ALA B 148 9.96 -1.88 -13.21
CA ALA B 148 10.74 -3.10 -13.45
C ALA B 148 11.31 -3.77 -12.20
N ILE B 149 11.11 -3.16 -11.04
N ILE B 149 11.07 -3.15 -11.05
CA ILE B 149 11.53 -3.82 -9.81
CA ILE B 149 11.40 -3.77 -9.76
C ILE B 149 10.45 -4.83 -9.44
C ILE B 149 10.38 -4.84 -9.47
N THR B 150 10.82 -6.10 -9.37
CA THR B 150 9.86 -7.19 -9.17
C THR B 150 10.17 -8.07 -7.97
N ASP B 151 11.41 -8.02 -7.50
CA ASP B 151 11.87 -8.93 -6.45
C ASP B 151 12.69 -8.13 -5.44
N ILE B 152 12.12 -7.91 -4.25
N ILE B 152 12.14 -7.92 -4.25
CA ILE B 152 12.81 -7.13 -3.23
CA ILE B 152 12.82 -7.13 -3.22
C ILE B 152 13.32 -7.99 -2.06
C ILE B 152 13.37 -7.98 -2.06
N MSE B 153 13.36 -9.30 -2.26
CA MSE B 153 13.88 -10.19 -1.23
CA MSE B 153 13.89 -10.23 -1.25
C MSE B 153 15.32 -9.90 -0.77
O MSE B 153 15.62 -10.06 0.41
CB MSE B 153 13.70 -11.65 -1.66
CB MSE B 153 13.85 -11.67 -1.77
CG MSE B 153 12.25 -11.98 -1.95
CG MSE B 153 14.38 -12.70 -0.78
SE MSE B 153 11.94 -13.85 -2.33
SE MSE B 153 14.52 -14.48 -1.54
CE MSE B 153 13.21 -14.08 -3.78
CE MSE B 153 12.84 -14.48 -2.53
N PRO B 154 16.22 -9.46 -1.69
CA PRO B 154 17.56 -9.17 -1.19
C PRO B 154 17.66 -8.07 -0.14
N LEU B 155 16.61 -7.26 0.04
CA LEU B 155 16.68 -6.20 1.04
C LEU B 155 16.64 -6.74 2.47
N LYS B 156 16.42 -8.04 2.62
CA LYS B 156 16.40 -8.67 3.94
C LYS B 156 17.74 -8.57 4.67
N THR B 157 18.81 -8.30 3.91
N THR B 157 18.84 -8.33 3.94
CA THR B 157 20.16 -8.20 4.45
CA THR B 157 20.14 -8.25 4.60
C THR B 157 20.48 -6.84 5.08
C THR B 157 20.39 -6.90 5.26
N LEU B 158 19.53 -5.90 4.99
CA LEU B 158 19.68 -4.60 5.61
C LEU B 158 19.31 -4.64 7.09
N PRO B 159 20.27 -4.31 7.97
CA PRO B 159 20.03 -4.50 9.41
C PRO B 159 19.09 -3.49 10.05
N GLU B 160 18.94 -2.29 9.48
CA GLU B 160 18.20 -1.23 10.16
C GLU B 160 17.00 -0.69 9.37
N LEU B 161 16.66 -1.34 8.26
CA LEU B 161 15.55 -0.89 7.43
C LEU B 161 14.20 -0.98 8.15
N LYS B 162 13.55 0.16 8.35
CA LYS B 162 12.24 0.19 9.00
C LYS B 162 11.10 0.53 8.05
N SER B 163 11.38 1.30 7.01
CA SER B 163 10.36 1.80 6.11
C SER B 163 10.75 1.50 4.67
N LEU B 164 9.82 0.88 3.93
CA LEU B 164 10.06 0.50 2.55
C LEU B 164 8.86 0.88 1.69
N ASN B 165 9.09 1.60 0.60
CA ASN B 165 8.03 2.01 -0.31
C ASN B 165 8.29 1.39 -1.66
N ILE B 166 7.39 0.48 -2.06
CA ILE B 166 7.45 -0.16 -3.36
C ILE B 166 6.18 0.11 -4.16
N GLN B 167 5.47 1.19 -3.82
CA GLN B 167 4.26 1.53 -4.58
C GLN B 167 4.53 1.65 -6.08
N PHE B 168 3.62 1.07 -6.87
CA PHE B 168 3.71 1.09 -8.34
C PHE B 168 4.96 0.48 -8.95
N ASP B 169 5.58 -0.44 -8.22
CA ASP B 169 6.62 -1.27 -8.81
C ASP B 169 5.97 -2.50 -9.43
N GLY B 170 6.77 -3.48 -9.81
CA GLY B 170 6.22 -4.69 -10.41
C GLY B 170 6.17 -5.88 -9.47
N VAL B 171 6.18 -5.62 -8.16
CA VAL B 171 6.23 -6.67 -7.15
C VAL B 171 4.87 -7.33 -6.98
N HIS B 172 4.80 -8.65 -7.16
N HIS B 172 4.81 -8.65 -7.16
CA HIS B 172 3.56 -9.40 -6.99
CA HIS B 172 3.56 -9.40 -7.01
C HIS B 172 3.73 -10.58 -6.03
C HIS B 172 3.78 -10.71 -6.26
N ASP B 173 4.97 -10.86 -5.68
CA ASP B 173 5.30 -12.01 -4.85
C ASP B 173 5.84 -11.43 -3.55
N TYR B 174 5.15 -11.68 -2.45
CA TYR B 174 5.47 -11.03 -1.18
C TYR B 174 6.21 -11.95 -0.20
N ARG B 175 6.58 -13.13 -0.68
CA ARG B 175 7.41 -14.01 0.13
C ARG B 175 8.77 -13.34 0.38
N GLY B 176 9.31 -13.53 1.57
CA GLY B 176 10.59 -12.93 1.93
C GLY B 176 10.50 -11.72 2.84
N ILE B 177 9.38 -11.01 2.79
CA ILE B 177 9.22 -9.80 3.60
CA ILE B 177 9.21 -9.80 3.62
C ILE B 177 9.32 -10.10 5.10
N GLU B 178 9.00 -11.32 5.49
CA GLU B 178 9.10 -11.75 6.89
C GLU B 178 10.55 -11.84 7.36
N ASP B 179 11.49 -11.84 6.42
CA ASP B 179 12.92 -11.95 6.75
C ASP B 179 13.56 -10.59 7.07
N PHE B 180 12.82 -9.51 6.82
CA PHE B 180 13.31 -8.16 7.13
C PHE B 180 13.23 -7.94 8.64
N PRO B 181 14.40 -7.79 9.29
N PRO B 181 14.40 -7.80 9.29
CA PRO B 181 14.48 -7.75 10.76
CA PRO B 181 14.52 -7.73 10.76
C PRO B 181 13.74 -6.60 11.45
C PRO B 181 13.72 -6.62 11.43
N LYS B 182 13.70 -5.43 10.83
CA LYS B 182 13.13 -4.27 11.51
C LYS B 182 11.99 -3.57 10.77
N LEU B 183 11.55 -4.16 9.67
CA LEU B 183 10.53 -3.52 8.85
C LEU B 183 9.25 -3.29 9.64
N ASN B 184 8.81 -2.04 9.73
CA ASN B 184 7.56 -1.73 10.42
C ASN B 184 6.64 -0.76 9.69
N GLN B 185 7.05 -0.35 8.49
CA GLN B 185 6.22 0.51 7.65
C GLN B 185 6.42 0.08 6.20
N LEU B 186 5.34 -0.38 5.58
CA LEU B 186 5.39 -0.79 4.18
C LEU B 186 4.37 0.01 3.38
N TYR B 187 4.80 0.57 2.27
CA TYR B 187 3.90 1.24 1.35
C TYR B 187 3.93 0.41 0.08
N ALA B 188 2.77 -0.12 -0.30
CA ALA B 188 2.70 -1.00 -1.45
C ALA B 188 1.44 -0.66 -2.24
N PHE B 189 1.52 -0.75 -3.56
CA PHE B 189 0.36 -0.50 -4.41
C PHE B 189 0.58 -1.13 -5.77
N SER B 190 -0.22 -2.15 -6.08
CA SER B 190 -0.11 -2.86 -7.36
C SER B 190 -0.65 -2.07 -8.54
N GLN B 191 -0.01 -2.29 -9.69
CA GLN B 191 -0.39 -1.70 -10.98
C GLN B 191 -0.19 -0.19 -11.03
S SO4 C . -23.24 -8.75 -12.18
O1 SO4 C . -22.55 -7.89 -13.15
O2 SO4 C . -22.28 -9.65 -11.54
O3 SO4 C . -23.88 -7.90 -11.18
O4 SO4 C . -24.24 -9.57 -12.86
#